data_2EWW
#
_entry.id   2EWW
#
_cell.length_a   107.380
_cell.length_b   107.380
_cell.length_c   68.860
_cell.angle_alpha   90.00
_cell.angle_beta   90.00
_cell.angle_gamma   120.00
#
_symmetry.space_group_name_H-M   'P 6'
#
loop_
_entity.id
_entity.type
_entity.pdbx_description
1 polymer 'twitching motility protein PilT'
2 non-polymer "ADENOSINE-5'-TRIPHOSPHATE"
3 water water
#
_entity_poly.entity_id   1
_entity_poly.type   'polypeptide(L)'
_entity_poly.pdbx_seq_one_letter_code
;(MSE)FEKQEVEQKKELKILEIIKEAIELGASDIHLTAGAPPAVRIDGYIKFLKDFPRLTPEDTQKLAYSV(MSE)SEKH
RQKLEENGQVDFSFGVRGVGRFRANVFYQRGSVAAALRSLPAEIPEFKKLGLPDKVLELCHRK(MSE)GLILVTGPTGSG
KSTTIAS(MSE)IDYINQTKSYHIITIEDPIEYVFKHKKSIVNQREVGEDTKSFADALRAALREDPDVIFVGE(MSE)RD
LETVETALRAAETGHLVFGTLHTNTAIDTIHRIVDIFPLNQQEQVRIVLSFILQGIISQRLLPKIGGGRVLAYELLIPNT
AIRNLIRENKLQQVYSL(MSE)QSGQAETG(MSE)QT(MSE)NQTLYKLYKQGLITLEDA(MSE)EASPDPKELER
(MSE)IRGGRHHHHHH
;
_entity_poly.pdbx_strand_id   A
#
# COMPACT_ATOMS: atom_id res chain seq x y z
N GLU A 12 -14.06 -33.63 4.61
CA GLU A 12 -15.10 -32.62 4.95
C GLU A 12 -14.50 -31.27 5.38
N LEU A 13 -14.79 -30.84 6.61
CA LEU A 13 -14.31 -29.57 7.18
C LEU A 13 -12.78 -29.49 7.22
N LYS A 14 -12.20 -29.21 6.06
CA LYS A 14 -10.75 -29.05 5.97
C LYS A 14 -10.40 -27.70 5.34
N ILE A 15 -9.72 -26.88 6.13
CA ILE A 15 -9.38 -25.51 5.76
C ILE A 15 -8.77 -25.42 4.37
N LEU A 16 -7.88 -26.36 4.06
CA LEU A 16 -7.17 -26.42 2.78
C LEU A 16 -8.13 -26.62 1.61
N GLU A 17 -9.24 -27.31 1.87
CA GLU A 17 -10.25 -27.56 0.83
C GLU A 17 -11.23 -26.40 0.69
N ILE A 18 -11.52 -25.73 1.80
CA ILE A 18 -12.35 -24.54 1.77
C ILE A 18 -11.70 -23.50 0.86
N ILE A 19 -10.40 -23.29 1.04
CA ILE A 19 -9.60 -22.40 0.20
C ILE A 19 -9.70 -22.75 -1.29
N LYS A 20 -9.58 -24.04 -1.61
CA LYS A 20 -9.73 -24.55 -2.97
C LYS A 20 -10.95 -23.92 -3.67
N GLU A 21 -12.10 -24.09 -3.02
CA GLU A 21 -13.39 -23.69 -3.55
C GLU A 21 -13.55 -22.17 -3.65
N ALA A 22 -12.84 -21.45 -2.77
CA ALA A 22 -12.89 -20.00 -2.76
C ALA A 22 -12.24 -19.40 -4.00
N ILE A 23 -11.01 -19.83 -4.33
CA ILE A 23 -10.33 -19.34 -5.53
C ILE A 23 -11.03 -19.87 -6.77
N GLU A 24 -11.58 -21.09 -6.64
CA GLU A 24 -12.36 -21.73 -7.69
C GLU A 24 -13.54 -20.85 -8.11
N LEU A 25 -14.04 -20.06 -7.17
CA LEU A 25 -15.13 -19.11 -7.41
C LEU A 25 -14.60 -17.68 -7.49
N GLY A 26 -13.28 -17.52 -7.44
CA GLY A 26 -12.64 -16.21 -7.51
C GLY A 26 -12.98 -15.31 -6.35
N ALA A 27 -12.94 -15.86 -5.13
CA ALA A 27 -13.29 -15.12 -3.91
C ALA A 27 -12.19 -14.17 -3.50
N SER A 28 -12.57 -13.04 -2.91
CA SER A 28 -11.62 -12.06 -2.38
C SER A 28 -11.31 -12.33 -0.92
N ASP A 29 -12.36 -12.65 -0.16
CA ASP A 29 -12.25 -13.05 1.24
C ASP A 29 -12.99 -14.35 1.52
N ILE A 30 -12.59 -15.01 2.60
CA ILE A 30 -13.42 -16.05 3.19
C ILE A 30 -13.63 -15.72 4.67
N HIS A 31 -14.82 -16.03 5.17
CA HIS A 31 -15.18 -15.73 6.55
C HIS A 31 -15.68 -16.98 7.28
N LEU A 32 -15.14 -17.17 8.48
CA LEU A 32 -15.50 -18.31 9.30
C LEU A 32 -16.08 -17.85 10.62
N THR A 33 -17.31 -18.29 10.90
CA THR A 33 -18.01 -17.99 12.15
C THR A 33 -18.92 -19.16 12.48
N ALA A 34 -19.17 -19.37 13.77
CA ALA A 34 -19.90 -20.56 14.26
C ALA A 34 -21.28 -20.81 13.62
N GLY A 35 -22.27 -19.97 13.89
CA GLY A 35 -23.63 -20.22 13.40
C GLY A 35 -23.79 -20.64 11.94
N ALA A 36 -22.97 -20.09 11.06
CA ALA A 36 -23.15 -20.25 9.62
C ALA A 36 -22.19 -21.27 8.98
N PRO A 37 -22.46 -21.69 7.73
CA PRO A 37 -21.46 -22.43 6.97
C PRO A 37 -20.37 -21.46 6.50
N PRO A 38 -19.18 -21.96 6.13
CA PRO A 38 -18.13 -21.08 5.59
C PRO A 38 -18.66 -20.09 4.55
N ALA A 39 -18.37 -18.81 4.77
CA ALA A 39 -18.81 -17.75 3.87
C ALA A 39 -17.67 -17.33 2.94
N VAL A 40 -18.01 -16.59 1.89
CA VAL A 40 -17.07 -16.18 0.86
C VAL A 40 -17.50 -14.86 0.23
N ARG A 41 -16.57 -13.91 0.06
CA ARG A 41 -16.94 -12.68 -0.63
C ARG A 41 -16.56 -12.73 -2.11
N ILE A 42 -17.59 -12.72 -2.96
CA ILE A 42 -17.45 -12.71 -4.42
C ILE A 42 -18.07 -11.44 -5.01
N ASP A 43 -17.25 -10.63 -5.69
CA ASP A 43 -17.69 -9.35 -6.24
C ASP A 43 -18.22 -8.41 -5.16
N GLY A 44 -17.86 -8.70 -3.90
CA GLY A 44 -18.25 -7.86 -2.78
C GLY A 44 -19.52 -8.31 -2.08
N TYR A 45 -20.10 -9.41 -2.57
CA TYR A 45 -21.27 -10.01 -1.95
C TYR A 45 -20.85 -11.23 -1.13
N ILE A 46 -21.35 -11.31 0.09
CA ILE A 46 -21.11 -12.50 0.90
C ILE A 46 -22.04 -13.62 0.46
N LYS A 47 -21.44 -14.77 0.14
CA LYS A 47 -22.18 -15.99 -0.19
C LYS A 47 -21.69 -17.14 0.66
N PHE A 48 -22.63 -17.89 1.22
CA PHE A 48 -22.30 -19.01 2.06
C PHE A 48 -22.12 -20.25 1.20
N LEU A 49 -20.91 -20.78 1.18
CA LEU A 49 -20.67 -21.99 0.41
C LEU A 49 -21.18 -23.21 1.15
N LYS A 50 -22.46 -23.48 0.95
CA LYS A 50 -23.10 -24.70 1.44
C LYS A 50 -22.59 -25.88 0.63
N ASP A 51 -22.16 -25.59 -0.60
CA ASP A 51 -21.54 -26.55 -1.54
C ASP A 51 -21.21 -27.86 -0.86
N PHE A 52 -20.11 -27.90 -0.13
CA PHE A 52 -19.85 -29.04 0.74
C PHE A 52 -20.10 -28.67 2.21
N PRO A 53 -19.19 -27.89 2.83
CA PRO A 53 -19.24 -27.78 4.29
C PRO A 53 -20.61 -27.36 4.84
N ARG A 54 -20.99 -27.97 5.97
CA ARG A 54 -22.26 -27.64 6.62
C ARG A 54 -22.05 -26.58 7.71
N LEU A 55 -23.15 -26.04 8.23
CA LEU A 55 -23.12 -25.05 9.31
C LEU A 55 -22.00 -25.41 10.28
N THR A 56 -21.13 -24.44 10.55
CA THR A 56 -19.90 -24.69 11.30
C THR A 56 -20.15 -24.77 12.81
N PRO A 57 -19.59 -25.79 13.49
CA PRO A 57 -19.72 -25.80 14.97
C PRO A 57 -18.71 -24.83 15.58
N GLU A 58 -18.80 -24.58 16.88
CA GLU A 58 -17.79 -23.78 17.60
C GLU A 58 -16.36 -24.22 17.27
N ASP A 59 -16.24 -25.34 16.54
CA ASP A 59 -14.95 -25.84 16.07
C ASP A 59 -14.52 -25.18 14.75
N THR A 60 -14.84 -23.90 14.66
CA THR A 60 -14.13 -22.94 13.83
C THR A 60 -12.74 -22.80 14.43
N GLN A 61 -12.69 -23.03 15.74
CA GLN A 61 -11.47 -23.00 16.51
C GLN A 61 -10.50 -24.05 16.01
N LYS A 62 -11.04 -25.22 15.65
CA LYS A 62 -10.26 -26.32 15.10
C LYS A 62 -9.65 -25.98 13.74
N LEU A 63 -10.44 -25.32 12.89
CA LEU A 63 -9.98 -24.90 11.57
C LEU A 63 -8.93 -23.80 11.66
N ALA A 64 -9.24 -22.75 12.42
CA ALA A 64 -8.33 -21.62 12.63
C ALA A 64 -6.95 -22.09 13.07
N TYR A 65 -6.93 -22.95 14.07
CA TYR A 65 -5.71 -23.49 14.68
C TYR A 65 -4.78 -24.21 13.70
N SER A 66 -5.37 -24.87 12.70
CA SER A 66 -4.62 -25.65 11.71
C SER A 66 -3.79 -24.76 10.78
N VAL A 67 -3.65 -23.50 11.17
CA VAL A 67 -3.05 -22.49 10.33
C VAL A 67 -2.20 -21.55 11.18
N SER A 69 0.56 -20.42 14.15
CA SER A 69 1.80 -20.73 14.87
C SER A 69 1.49 -20.82 16.37
N GLU A 70 2.48 -21.19 17.17
CA GLU A 70 2.27 -21.27 18.62
C GLU A 70 2.24 -19.90 19.32
N LYS A 71 3.00 -18.94 18.80
CA LYS A 71 2.99 -17.60 19.38
C LYS A 71 1.77 -16.81 18.96
N HIS A 72 1.08 -17.30 17.93
CA HIS A 72 -0.21 -16.73 17.51
C HIS A 72 -1.36 -17.22 18.39
N ARG A 73 -1.41 -18.53 18.63
CA ARG A 73 -2.43 -19.13 19.51
C ARG A 73 -2.28 -18.61 20.94
N GLN A 74 -1.04 -18.37 21.35
CA GLN A 74 -0.72 -17.71 22.62
C GLN A 74 -1.35 -16.32 22.61
N LYS A 75 -1.10 -15.59 21.53
CA LYS A 75 -1.56 -14.22 21.37
C LYS A 75 -3.08 -14.11 21.40
N LEU A 76 -3.75 -14.96 20.62
CA LEU A 76 -5.21 -14.99 20.58
C LEU A 76 -5.82 -15.22 21.98
N GLU A 77 -4.99 -15.63 22.93
CA GLU A 77 -5.43 -15.77 24.32
C GLU A 77 -5.08 -14.53 25.12
N GLU A 78 -3.81 -14.13 25.07
CA GLU A 78 -3.33 -12.93 25.76
C GLU A 78 -4.24 -11.74 25.40
N ASN A 79 -4.46 -11.54 24.10
CA ASN A 79 -5.48 -10.60 23.62
C ASN A 79 -6.53 -11.33 22.79
N GLY A 80 -7.69 -10.70 22.57
CA GLY A 80 -8.80 -11.36 21.89
C GLY A 80 -8.68 -11.61 20.38
N GLN A 81 -7.54 -11.22 19.79
CA GLN A 81 -7.34 -11.34 18.35
C GLN A 81 -5.87 -11.38 17.91
N VAL A 82 -5.63 -11.98 16.74
CA VAL A 82 -4.32 -11.94 16.05
C VAL A 82 -4.48 -11.54 14.60
N ASP A 83 -3.43 -10.91 14.07
CA ASP A 83 -3.29 -10.63 12.64
C ASP A 83 -2.03 -11.28 12.10
N PHE A 84 -2.20 -12.27 11.22
CA PHE A 84 -1.05 -13.01 10.71
C PHE A 84 -1.20 -13.47 9.27
N SER A 85 -0.09 -13.86 8.66
CA SER A 85 -0.07 -14.36 7.29
C SER A 85 0.40 -15.80 7.28
N PHE A 86 -0.11 -16.57 6.33
CA PHE A 86 0.29 -17.95 6.18
C PHE A 86 0.28 -18.33 4.70
N GLY A 87 1.14 -19.28 4.33
CA GLY A 87 1.28 -19.68 2.93
C GLY A 87 0.93 -21.11 2.65
N VAL A 88 0.14 -21.32 1.60
CA VAL A 88 -0.18 -22.66 1.11
C VAL A 88 0.45 -22.83 -0.27
N ARG A 89 1.40 -23.76 -0.35
CA ARG A 89 2.19 -24.01 -1.56
C ARG A 89 1.27 -24.14 -2.78
N GLY A 90 0.19 -24.92 -2.61
CA GLY A 90 -0.79 -25.16 -3.67
C GLY A 90 -1.13 -23.92 -4.47
N VAL A 91 -1.73 -22.94 -3.80
CA VAL A 91 -2.14 -21.72 -4.47
C VAL A 91 -1.18 -20.57 -4.19
N GLY A 92 -1.46 -19.76 -3.16
CA GLY A 92 -0.66 -18.57 -2.85
C GLY A 92 -0.50 -18.29 -1.36
N ARG A 93 -0.61 -17.01 -0.99
CA ARG A 93 -0.49 -16.58 0.41
C ARG A 93 -1.77 -15.92 0.90
N PHE A 94 -1.98 -15.94 2.20
CA PHE A 94 -3.23 -15.45 2.79
C PHE A 94 -3.03 -14.66 4.07
N ARG A 95 -3.75 -13.55 4.19
CA ARG A 95 -3.77 -12.76 5.41
C ARG A 95 -4.94 -13.23 6.24
N ALA A 96 -4.72 -13.43 7.53
CA ALA A 96 -5.76 -13.95 8.40
C ALA A 96 -5.87 -13.14 9.68
N ASN A 97 -7.09 -12.68 9.96
CA ASN A 97 -7.43 -12.10 11.26
C ASN A 97 -8.38 -13.01 12.01
N VAL A 98 -7.91 -13.56 13.12
CA VAL A 98 -8.71 -14.45 13.94
C VAL A 98 -9.03 -13.73 15.25
N PHE A 99 -10.23 -13.96 15.75
CA PHE A 99 -10.78 -13.21 16.88
C PHE A 99 -11.96 -13.93 17.52
N TYR A 100 -12.26 -13.58 18.76
CA TYR A 100 -13.42 -14.11 19.45
C TYR A 100 -14.66 -13.28 19.16
N GLN A 101 -15.70 -13.97 18.73
CA GLN A 101 -16.96 -13.33 18.40
C GLN A 101 -17.89 -13.43 19.61
N ARG A 102 -18.69 -14.48 19.70
CA ARG A 102 -19.68 -14.56 20.77
C ARG A 102 -19.25 -15.67 21.73
N GLY A 103 -18.13 -15.43 22.40
CA GLY A 103 -17.46 -16.46 23.20
C GLY A 103 -16.84 -17.53 22.32
N SER A 104 -17.17 -17.47 21.03
CA SER A 104 -16.80 -18.48 20.03
C SER A 104 -15.74 -17.90 19.09
N VAL A 105 -14.97 -18.78 18.43
CA VAL A 105 -13.88 -18.34 17.51
C VAL A 105 -14.34 -17.97 16.09
N ALA A 106 -13.89 -16.81 15.61
CA ALA A 106 -14.20 -16.32 14.26
C ALA A 106 -12.94 -15.93 13.47
N ALA A 107 -13.03 -15.98 12.14
CA ALA A 107 -11.87 -15.74 11.29
C ALA A 107 -12.24 -15.03 9.99
N ALA A 108 -11.33 -14.15 9.56
CA ALA A 108 -11.46 -13.42 8.30
C ALA A 108 -10.16 -13.56 7.50
N LEU A 109 -10.18 -14.43 6.49
CA LEU A 109 -9.01 -14.63 5.65
C LEU A 109 -9.12 -13.78 4.39
N ARG A 110 -7.99 -13.21 3.99
CA ARG A 110 -7.91 -12.39 2.78
C ARG A 110 -6.93 -13.03 1.83
N SER A 111 -7.11 -12.79 0.53
CA SER A 111 -6.18 -13.29 -0.47
C SER A 111 -5.05 -12.27 -0.64
N LEU A 112 -3.80 -12.76 -0.62
CA LEU A 112 -2.63 -11.88 -0.83
C LEU A 112 -2.11 -12.01 -2.27
N PRO A 113 -1.77 -10.87 -2.91
CA PRO A 113 -1.51 -10.85 -4.35
C PRO A 113 -0.31 -11.68 -4.71
N ALA A 114 -0.46 -12.51 -5.73
CA ALA A 114 0.56 -13.49 -6.08
C ALA A 114 1.45 -13.06 -7.24
N GLU A 115 1.22 -11.87 -7.78
CA GLU A 115 1.93 -11.45 -8.99
C GLU A 115 1.92 -9.94 -9.22
N ILE A 116 3.11 -9.35 -9.23
CA ILE A 116 3.27 -7.91 -9.46
C ILE A 116 2.92 -7.56 -10.92
N PRO A 117 1.99 -6.59 -11.10
CA PRO A 117 1.64 -6.14 -12.44
C PRO A 117 2.78 -5.44 -13.18
N GLU A 118 2.74 -5.53 -14.51
CA GLU A 118 3.58 -4.74 -15.39
C GLU A 118 3.27 -3.27 -15.19
N PHE A 119 4.28 -2.41 -15.31
CA PHE A 119 4.08 -0.98 -15.09
C PHE A 119 3.08 -0.34 -16.05
N LYS A 120 3.07 -0.77 -17.30
CA LYS A 120 2.12 -0.24 -18.29
C LYS A 120 0.68 -0.60 -17.91
N LYS A 121 0.49 -1.76 -17.29
CA LYS A 121 -0.83 -2.17 -16.79
C LYS A 121 -1.49 -1.13 -15.87
N LEU A 122 -0.68 -0.48 -15.05
CA LEU A 122 -1.13 0.48 -14.04
C LEU A 122 -1.99 1.62 -14.59
N GLY A 123 -1.35 2.60 -15.22
CA GLY A 123 -2.03 3.79 -15.70
C GLY A 123 -1.15 5.02 -15.67
N LEU A 124 -0.07 4.97 -14.87
CA LEU A 124 0.89 6.07 -14.79
C LEU A 124 1.69 6.21 -16.08
N PRO A 125 2.20 7.43 -16.36
CA PRO A 125 3.08 7.61 -17.51
C PRO A 125 4.48 7.07 -17.24
N ASP A 126 5.32 7.05 -18.28
CA ASP A 126 6.70 6.59 -18.17
C ASP A 126 7.58 7.62 -17.46
N LYS A 127 7.07 8.84 -17.31
CA LYS A 127 7.75 9.87 -16.55
C LYS A 127 7.96 9.43 -15.09
N VAL A 128 7.05 8.61 -14.58
CA VAL A 128 7.18 8.04 -13.24
C VAL A 128 8.40 7.11 -13.10
N LEU A 129 8.58 6.20 -14.07
CA LEU A 129 9.67 5.23 -14.04
C LEU A 129 11.05 5.89 -13.96
N GLU A 130 11.11 7.16 -14.32
CA GLU A 130 12.37 7.89 -14.28
C GLU A 130 12.83 8.10 -12.82
N LEU A 131 11.85 8.14 -11.91
CA LEU A 131 12.11 8.23 -10.48
C LEU A 131 12.95 7.05 -10.00
N CYS A 132 12.58 5.84 -10.43
CA CYS A 132 13.26 4.61 -10.07
C CYS A 132 14.74 4.60 -10.45
N HIS A 133 15.17 5.57 -11.25
CA HIS A 133 16.57 5.67 -11.65
C HIS A 133 17.35 6.72 -10.86
N ARG A 134 16.64 7.51 -10.06
CA ARG A 134 17.27 8.53 -9.22
C ARG A 134 18.15 7.86 -8.18
N LYS A 135 19.28 8.48 -7.87
CA LYS A 135 20.29 7.90 -6.99
C LYS A 135 19.93 7.93 -5.50
N GLY A 137 16.91 10.08 -2.48
CA GLY A 137 15.78 10.98 -2.27
C GLY A 137 14.51 10.27 -1.85
N LEU A 138 13.41 11.02 -1.84
CA LEU A 138 12.13 10.50 -1.37
C LEU A 138 11.15 10.36 -2.52
N ILE A 139 10.63 9.15 -2.70
CA ILE A 139 9.51 8.91 -3.61
C ILE A 139 8.29 8.62 -2.77
N LEU A 140 7.31 9.51 -2.87
CA LEU A 140 6.08 9.38 -2.09
C LEU A 140 4.88 9.02 -2.97
N VAL A 141 4.26 7.89 -2.64
CA VAL A 141 2.98 7.51 -3.24
C VAL A 141 1.92 7.62 -2.15
N THR A 142 0.88 8.42 -2.41
CA THR A 142 -0.14 8.70 -1.42
C THR A 142 -1.55 8.37 -1.92
N GLY A 143 -2.56 8.69 -1.12
CA GLY A 143 -3.95 8.41 -1.44
C GLY A 143 -4.64 7.61 -0.35
N PRO A 144 -5.99 7.54 -0.40
CA PRO A 144 -6.75 6.78 0.60
C PRO A 144 -6.60 5.28 0.37
N THR A 145 -6.78 4.50 1.43
CA THR A 145 -6.79 3.04 1.29
C THR A 145 -7.66 2.63 0.10
N GLY A 146 -7.05 1.88 -0.82
CA GLY A 146 -7.76 1.36 -1.99
C GLY A 146 -7.59 2.18 -3.26
N SER A 147 -6.47 2.88 -3.40
CA SER A 147 -6.23 3.69 -4.59
C SER A 147 -5.00 3.23 -5.36
N GLY A 148 -4.47 2.07 -4.97
CA GLY A 148 -3.38 1.42 -5.71
C GLY A 148 -1.98 1.74 -5.26
N LYS A 149 -1.85 2.30 -4.05
CA LYS A 149 -0.55 2.68 -3.51
C LYS A 149 0.43 1.52 -3.50
N SER A 150 0.00 0.40 -2.92
CA SER A 150 0.86 -0.78 -2.79
C SER A 150 1.22 -1.38 -4.13
N THR A 151 0.30 -1.27 -5.07
CA THR A 151 0.49 -1.77 -6.42
C THR A 151 1.58 -0.96 -7.12
N THR A 152 1.40 0.35 -7.16
CA THR A 152 2.35 1.27 -7.79
C THR A 152 3.76 1.05 -7.25
N ILE A 153 3.90 0.94 -5.93
CA ILE A 153 5.21 0.73 -5.31
C ILE A 153 5.80 -0.60 -5.75
N ALA A 154 5.02 -1.66 -5.61
CA ALA A 154 5.46 -3.00 -6.00
C ALA A 154 5.94 -3.04 -7.46
N SER A 155 5.19 -2.37 -8.34
CA SER A 155 5.58 -2.20 -9.74
C SER A 155 6.91 -1.48 -9.92
N ILE A 157 9.42 -0.99 -7.34
CA ILE A 157 10.47 -1.78 -6.69
C ILE A 157 10.89 -2.98 -7.55
N ASP A 158 9.92 -3.68 -8.13
CA ASP A 158 10.19 -4.80 -9.04
C ASP A 158 10.80 -4.35 -10.37
N TYR A 159 10.47 -3.14 -10.81
CA TYR A 159 11.09 -2.57 -12.00
C TYR A 159 12.56 -2.31 -11.73
N ILE A 160 12.88 -1.77 -10.56
CA ILE A 160 14.26 -1.61 -10.14
C ILE A 160 14.93 -2.98 -10.08
N ASN A 161 14.24 -3.93 -9.46
CA ASN A 161 14.73 -5.30 -9.27
C ASN A 161 15.13 -5.98 -10.57
N GLN A 162 14.43 -5.65 -11.64
CA GLN A 162 14.68 -6.25 -12.94
C GLN A 162 15.90 -5.65 -13.64
N THR A 163 16.25 -4.42 -13.26
CA THR A 163 17.18 -3.62 -14.05
C THR A 163 18.45 -3.16 -13.33
N LYS A 164 18.38 -3.03 -12.01
CA LYS A 164 19.52 -2.56 -11.23
C LYS A 164 20.12 -3.68 -10.35
N SER A 165 21.43 -3.63 -10.14
CA SER A 165 22.12 -4.56 -9.24
C SER A 165 22.21 -3.98 -7.83
N TYR A 166 21.04 -3.79 -7.22
CA TYR A 166 20.88 -3.15 -5.92
C TYR A 166 20.66 -4.14 -4.77
N HIS A 167 20.54 -3.61 -3.56
CA HIS A 167 20.02 -4.38 -2.44
C HIS A 167 18.81 -3.65 -1.89
N ILE A 168 17.63 -4.15 -2.20
CA ILE A 168 16.40 -3.48 -1.80
C ILE A 168 15.94 -4.03 -0.47
N ILE A 169 15.51 -3.12 0.40
CA ILE A 169 14.92 -3.49 1.70
C ILE A 169 13.56 -2.80 1.90
N THR A 170 12.53 -3.60 2.21
CA THR A 170 11.20 -3.08 2.48
C THR A 170 10.76 -3.44 3.89
N ILE A 171 10.09 -2.50 4.54
CA ILE A 171 9.56 -2.66 5.89
C ILE A 171 8.06 -2.47 5.81
N GLU A 172 7.30 -3.54 5.99
CA GLU A 172 5.88 -3.51 5.65
C GLU A 172 4.92 -3.98 6.75
N ASP A 173 3.63 -3.69 6.55
CA ASP A 173 2.61 -3.98 7.53
C ASP A 173 1.20 -4.19 6.94
N PRO A 174 0.95 -5.38 6.35
CA PRO A 174 1.84 -6.53 6.23
C PRO A 174 2.60 -6.55 4.91
N ILE A 175 3.35 -7.61 4.64
CA ILE A 175 3.99 -7.75 3.33
C ILE A 175 2.93 -8.11 2.30
N GLU A 176 2.54 -7.13 1.49
CA GLU A 176 1.49 -7.32 0.51
C GLU A 176 1.98 -8.22 -0.62
N TYR A 177 2.69 -7.64 -1.59
CA TYR A 177 3.32 -8.40 -2.67
C TYR A 177 4.70 -8.88 -2.23
N VAL A 178 5.14 -9.99 -2.82
CA VAL A 178 6.45 -10.60 -2.51
C VAL A 178 7.35 -10.56 -3.74
N PHE A 179 8.65 -10.37 -3.52
CA PHE A 179 9.60 -10.23 -4.62
C PHE A 179 10.51 -11.45 -4.78
N LYS A 180 10.78 -11.85 -6.02
CA LYS A 180 11.83 -12.83 -6.33
C LYS A 180 13.14 -12.08 -6.58
N HIS A 181 14.25 -12.67 -6.19
CA HIS A 181 15.57 -12.12 -6.54
C HIS A 181 15.73 -12.08 -8.05
N LYS A 182 16.22 -10.95 -8.57
CA LYS A 182 16.51 -10.86 -10.00
C LYS A 182 17.92 -10.31 -10.23
N LYS A 183 18.00 -9.04 -10.67
CA LYS A 183 19.28 -8.38 -10.89
C LYS A 183 19.80 -7.84 -9.57
N SER A 184 18.88 -7.62 -8.64
CA SER A 184 19.23 -7.22 -7.30
C SER A 184 18.81 -8.28 -6.28
N ILE A 185 18.99 -7.96 -5.01
CA ILE A 185 18.78 -8.88 -3.91
C ILE A 185 17.78 -8.20 -2.96
N VAL A 186 16.61 -8.81 -2.80
CA VAL A 186 15.50 -8.17 -2.08
C VAL A 186 15.23 -8.81 -0.71
N ASN A 187 15.10 -7.95 0.30
CA ASN A 187 14.79 -8.35 1.66
C ASN A 187 13.57 -7.59 2.12
N GLN A 188 12.57 -8.33 2.57
CA GLN A 188 11.33 -7.73 3.06
C GLN A 188 11.11 -8.10 4.53
N ARG A 189 10.88 -7.10 5.37
CA ARG A 189 10.69 -7.31 6.81
C ARG A 189 9.28 -6.90 7.24
N GLU A 190 8.58 -7.81 7.92
CA GLU A 190 7.23 -7.52 8.38
C GLU A 190 7.22 -7.06 9.83
N VAL A 191 6.74 -5.83 10.03
CA VAL A 191 6.58 -5.28 11.37
C VAL A 191 5.62 -6.17 12.16
N GLY A 192 6.06 -6.62 13.32
CA GLY A 192 5.24 -7.49 14.15
C GLY A 192 5.65 -8.94 14.06
N GLU A 193 6.43 -9.27 13.02
CA GLU A 193 6.89 -10.64 12.82
C GLU A 193 8.41 -10.73 12.75
N ASP A 194 9.03 -9.82 12.00
CA ASP A 194 10.48 -9.83 11.82
C ASP A 194 11.14 -8.74 12.65
N THR A 195 10.33 -7.77 13.08
CA THR A 195 10.81 -6.60 13.78
C THR A 195 9.73 -6.05 14.68
N LYS A 196 10.14 -5.22 15.63
CA LYS A 196 9.23 -4.69 16.63
C LYS A 196 8.45 -3.47 16.13
N SER A 197 9.09 -2.68 15.27
CA SER A 197 8.53 -1.40 14.84
C SER A 197 9.13 -0.93 13.53
N PHE A 198 8.34 -0.17 12.76
CA PHE A 198 8.82 0.53 11.57
C PHE A 198 10.13 1.25 11.85
N ALA A 199 10.18 1.90 13.01
CA ALA A 199 11.25 2.83 13.37
C ALA A 199 12.58 2.11 13.60
N ASP A 200 12.58 1.15 14.50
CA ASP A 200 13.82 0.43 14.81
C ASP A 200 14.19 -0.57 13.72
N ALA A 201 13.27 -0.78 12.78
CA ALA A 201 13.55 -1.53 11.56
C ALA A 201 14.23 -0.61 10.54
N LEU A 202 13.72 0.61 10.44
CA LEU A 202 14.30 1.63 9.57
C LEU A 202 15.67 2.05 10.08
N ARG A 203 15.80 2.05 11.42
CA ARG A 203 17.07 2.36 12.06
C ARG A 203 18.11 1.28 11.76
N ALA A 204 17.69 0.01 11.85
CA ALA A 204 18.53 -1.11 11.43
C ALA A 204 18.83 -1.07 9.94
N ALA A 205 17.86 -0.58 9.17
CA ALA A 205 18.01 -0.46 7.73
C ALA A 205 19.22 0.38 7.34
N LEU A 206 19.49 1.45 8.10
CA LEU A 206 20.64 2.32 7.86
C LEU A 206 21.98 1.60 7.95
N ARG A 207 22.01 0.52 8.73
CA ARG A 207 23.24 -0.24 8.95
C ARG A 207 23.28 -1.50 8.09
N GLU A 208 22.24 -1.73 7.30
CA GLU A 208 22.12 -2.97 6.51
C GLU A 208 22.51 -2.83 5.04
N ASP A 209 23.25 -1.77 4.71
CA ASP A 209 23.78 -1.56 3.35
C ASP A 209 22.71 -1.64 2.24
N PRO A 210 21.54 -0.98 2.42
CA PRO A 210 20.56 -1.07 1.36
C PRO A 210 20.73 0.05 0.35
N ASP A 211 20.31 -0.20 -0.88
CA ASP A 211 20.28 0.84 -1.90
C ASP A 211 18.93 1.55 -1.89
N VAL A 212 17.87 0.76 -1.73
CA VAL A 212 16.49 1.26 -1.68
C VAL A 212 15.81 0.81 -0.39
N ILE A 213 15.12 1.74 0.27
CA ILE A 213 14.38 1.46 1.49
C ILE A 213 12.91 1.79 1.25
N PHE A 214 12.03 0.90 1.69
CA PHE A 214 10.59 1.13 1.53
C PHE A 214 9.81 1.02 2.85
N VAL A 215 9.35 2.17 3.35
CA VAL A 215 8.49 2.20 4.53
C VAL A 215 7.04 1.99 4.15
N GLY A 216 6.48 0.87 4.58
CA GLY A 216 5.07 0.53 4.34
C GLY A 216 4.15 1.70 4.65
N GLU A 217 4.28 2.23 5.86
CA GLU A 217 3.51 3.37 6.32
C GLU A 217 4.35 4.27 7.23
N ARG A 219 3.33 6.75 9.85
CA ARG A 219 2.29 7.40 10.65
C ARG A 219 2.82 8.08 11.92
N ASP A 220 3.82 7.46 12.55
CA ASP A 220 4.52 8.07 13.67
C ASP A 220 5.60 9.03 13.16
N LEU A 221 5.76 10.17 13.85
CA LEU A 221 6.72 11.21 13.46
C LEU A 221 8.15 10.69 13.43
N GLU A 222 8.50 9.91 14.46
CA GLU A 222 9.82 9.31 14.60
C GLU A 222 10.24 8.56 13.33
N THR A 223 9.27 7.89 12.69
CA THR A 223 9.49 7.17 11.43
C THR A 223 9.85 8.13 10.28
N VAL A 224 8.99 9.12 10.05
CA VAL A 224 9.22 10.17 9.03
C VAL A 224 10.57 10.88 9.22
N GLU A 225 10.98 10.97 10.48
CA GLU A 225 12.23 11.60 10.89
C GLU A 225 13.42 10.73 10.49
N THR A 226 13.26 9.42 10.61
CA THR A 226 14.26 8.47 10.16
C THR A 226 14.19 8.35 8.63
N ALA A 227 12.97 8.34 8.11
CA ALA A 227 12.73 8.23 6.66
C ALA A 227 13.39 9.37 5.87
N LEU A 228 13.32 10.58 6.41
CA LEU A 228 13.97 11.74 5.78
C LEU A 228 15.48 11.69 5.94
N ARG A 229 15.94 11.24 7.11
CA ARG A 229 17.37 11.05 7.36
C ARG A 229 17.97 10.13 6.31
N ALA A 230 17.36 8.96 6.13
CA ALA A 230 17.79 7.99 5.13
C ALA A 230 17.86 8.62 3.73
N ALA A 231 16.78 9.28 3.34
CA ALA A 231 16.69 9.94 2.04
C ALA A 231 17.87 10.88 1.81
N GLU A 232 18.16 11.73 2.80
CA GLU A 232 19.23 12.72 2.65
C GLU A 232 20.62 12.17 2.93
N THR A 233 20.70 10.84 3.02
CA THR A 233 21.97 10.19 3.30
C THR A 233 22.34 9.10 2.27
N GLY A 234 21.97 9.33 1.01
CA GLY A 234 22.38 8.45 -0.09
C GLY A 234 21.37 7.41 -0.58
N HIS A 235 20.25 7.30 0.13
CA HIS A 235 19.26 6.26 -0.18
C HIS A 235 18.07 6.79 -0.97
N LEU A 236 17.50 5.94 -1.81
CA LEU A 236 16.20 6.21 -2.39
C LEU A 236 15.18 5.55 -1.47
N VAL A 237 14.26 6.33 -0.93
CA VAL A 237 13.26 5.82 0.01
C VAL A 237 11.85 6.00 -0.55
N PHE A 238 11.08 4.91 -0.50
CA PHE A 238 9.69 4.92 -0.92
C PHE A 238 8.80 5.01 0.32
N GLY A 239 7.88 5.96 0.31
CA GLY A 239 6.97 6.17 1.44
C GLY A 239 5.53 6.35 1.00
N THR A 240 4.60 5.99 1.90
CA THR A 240 3.16 6.07 1.61
C THR A 240 2.37 6.84 2.68
N LEU A 241 1.66 7.88 2.24
CA LEU A 241 0.77 8.62 3.12
C LEU A 241 -0.70 8.32 2.79
N HIS A 242 -1.61 9.09 3.39
CA HIS A 242 -3.04 8.97 3.09
C HIS A 242 -3.63 10.25 2.48
N THR A 243 -2.79 11.27 2.28
CA THR A 243 -3.18 12.55 1.66
C THR A 243 -3.77 12.38 0.25
N ASN A 244 -4.43 13.43 -0.25
CA ASN A 244 -5.13 13.39 -1.54
C ASN A 244 -4.49 14.22 -2.66
N THR A 245 -3.84 15.30 -2.29
CA THR A 245 -3.11 16.12 -3.26
C THR A 245 -1.62 16.08 -2.91
N ALA A 246 -0.79 16.67 -3.77
CA ALA A 246 0.64 16.77 -3.55
C ALA A 246 0.96 17.84 -2.50
N ILE A 247 0.28 18.99 -2.60
CA ILE A 247 0.43 20.07 -1.62
C ILE A 247 -0.02 19.61 -0.23
N ASP A 248 -1.10 18.85 -0.17
CA ASP A 248 -1.53 18.17 1.05
C ASP A 248 -0.36 17.42 1.68
N THR A 249 0.31 16.63 0.84
CA THR A 249 1.39 15.74 1.27
C THR A 249 2.52 16.55 1.91
N ILE A 250 3.13 17.46 1.13
CA ILE A 250 4.24 18.26 1.63
C ILE A 250 3.86 19.02 2.90
N HIS A 251 2.69 19.67 2.89
CA HIS A 251 2.18 20.40 4.05
C HIS A 251 2.10 19.50 5.29
N ARG A 252 1.59 18.28 5.09
CA ARG A 252 1.34 17.33 6.18
C ARG A 252 2.62 16.91 6.91
N ILE A 253 3.59 16.36 6.17
CA ILE A 253 4.85 15.88 6.75
C ILE A 253 5.67 16.99 7.40
N VAL A 254 5.47 18.21 6.92
CA VAL A 254 6.07 19.40 7.52
C VAL A 254 5.35 19.76 8.83
N ASP A 255 4.02 19.81 8.77
CA ASP A 255 3.20 20.22 9.92
C ASP A 255 2.99 19.14 10.97
N ILE A 256 3.81 18.09 10.94
CA ILE A 256 3.82 17.09 12.01
C ILE A 256 5.13 17.15 12.79
N PHE A 257 6.00 18.06 12.39
CA PHE A 257 7.19 18.41 13.17
C PHE A 257 6.91 19.61 14.09
N PRO A 258 7.48 19.60 15.31
CA PRO A 258 7.45 20.82 16.13
C PRO A 258 7.97 22.02 15.34
N LEU A 259 7.22 23.12 15.35
CA LEU A 259 7.59 24.30 14.56
C LEU A 259 8.77 25.10 15.15
N ASN A 260 9.72 24.38 15.76
CA ASN A 260 10.95 24.97 16.26
C ASN A 260 12.04 24.99 15.18
N GLN A 261 11.95 24.05 14.24
CA GLN A 261 12.79 24.03 13.03
C GLN A 261 12.00 23.38 11.89
N GLN A 262 10.69 23.58 11.94
CA GLN A 262 9.75 23.12 10.90
C GLN A 262 10.05 23.78 9.55
N GLU A 263 10.64 24.97 9.60
CA GLU A 263 11.11 25.66 8.40
C GLU A 263 12.30 24.93 7.75
N GLN A 264 13.14 24.32 8.58
CA GLN A 264 14.28 23.52 8.08
C GLN A 264 13.87 22.19 7.47
N VAL A 265 12.66 21.74 7.80
CA VAL A 265 12.07 20.57 7.14
C VAL A 265 11.77 20.94 5.69
N ARG A 266 11.14 22.10 5.50
CA ARG A 266 10.86 22.64 4.17
C ARG A 266 12.11 22.81 3.31
N ILE A 267 13.22 23.18 3.95
CA ILE A 267 14.51 23.30 3.26
C ILE A 267 14.99 21.93 2.82
N VAL A 268 14.95 20.97 3.75
CA VAL A 268 15.47 19.61 3.53
C VAL A 268 14.61 18.84 2.53
N LEU A 269 13.30 18.82 2.77
CA LEU A 269 12.35 18.20 1.85
C LEU A 269 12.60 18.66 0.41
N SER A 270 12.77 19.97 0.22
CA SER A 270 12.97 20.58 -1.10
C SER A 270 14.25 20.11 -1.83
N PHE A 271 15.23 19.63 -1.06
CA PHE A 271 16.43 19.08 -1.67
C PHE A 271 16.20 17.61 -2.04
N ILE A 272 15.45 16.91 -1.19
CA ILE A 272 15.42 15.46 -1.21
C ILE A 272 14.11 14.83 -1.71
N LEU A 273 13.06 15.64 -1.82
CA LEU A 273 11.81 15.16 -2.39
C LEU A 273 11.96 14.98 -3.89
N GLN A 274 11.91 13.73 -4.33
CA GLN A 274 12.19 13.37 -5.71
C GLN A 274 10.96 13.33 -6.62
N GLY A 275 9.83 12.97 -6.04
CA GLY A 275 8.56 12.91 -6.76
C GLY A 275 7.42 12.55 -5.83
N ILE A 276 6.21 12.99 -6.18
CA ILE A 276 5.01 12.66 -5.42
C ILE A 276 3.88 12.23 -6.35
N ILE A 277 3.32 11.04 -6.09
CA ILE A 277 2.15 10.56 -6.84
C ILE A 277 0.97 10.33 -5.89
N SER A 278 -0.12 11.06 -6.14
CA SER A 278 -1.36 10.88 -5.37
C SER A 278 -2.41 10.23 -6.26
N GLN A 279 -2.99 9.15 -5.76
CA GLN A 279 -3.82 8.27 -6.59
C GLN A 279 -5.27 8.17 -6.15
N ARG A 280 -6.15 7.94 -7.12
CA ARG A 280 -7.56 7.64 -6.87
C ARG A 280 -8.06 6.64 -7.91
N LEU A 281 -8.78 5.62 -7.48
CA LEU A 281 -9.36 4.65 -8.40
C LEU A 281 -10.84 4.90 -8.66
N LEU A 282 -11.14 5.49 -9.81
CA LEU A 282 -12.50 5.82 -10.22
C LEU A 282 -13.10 4.69 -11.07
N PRO A 283 -14.45 4.60 -11.13
CA PRO A 283 -15.02 3.55 -11.98
C PRO A 283 -14.84 3.81 -13.49
N LYS A 284 -14.47 2.76 -14.21
CA LYS A 284 -14.25 2.79 -15.66
C LYS A 284 -15.47 2.18 -16.37
N ILE A 285 -15.55 2.39 -17.69
CA ILE A 285 -16.69 1.92 -18.49
C ILE A 285 -16.58 0.44 -18.92
N GLY A 286 -15.35 -0.01 -19.16
CA GLY A 286 -15.10 -1.43 -19.46
C GLY A 286 -15.23 -2.34 -18.25
N GLY A 287 -14.10 -2.74 -17.68
CA GLY A 287 -14.04 -3.62 -16.50
C GLY A 287 -14.25 -2.91 -15.17
N GLY A 288 -14.27 -1.58 -15.20
CA GLY A 288 -14.59 -0.76 -14.03
C GLY A 288 -13.41 -0.20 -13.26
N ARG A 289 -12.20 -0.44 -13.76
CA ARG A 289 -10.99 -0.18 -13.00
C ARG A 289 -10.02 0.83 -13.66
N VAL A 290 -10.09 2.09 -13.24
CA VAL A 290 -9.20 3.14 -13.78
C VAL A 290 -8.60 4.06 -12.70
N LEU A 291 -7.34 4.43 -12.92
CA LEU A 291 -6.58 5.21 -11.97
C LEU A 291 -6.45 6.68 -12.40
N ALA A 292 -6.77 7.58 -11.49
CA ALA A 292 -6.50 9.01 -11.66
C ALA A 292 -5.37 9.41 -10.70
N TYR A 293 -4.64 10.47 -11.02
CA TYR A 293 -3.45 10.84 -10.23
C TYR A 293 -2.98 12.29 -10.33
N GLU A 294 -2.31 12.75 -9.28
CA GLU A 294 -1.53 13.99 -9.31
C GLU A 294 -0.05 13.64 -9.32
N LEU A 295 0.71 14.30 -10.19
CA LEU A 295 2.13 14.01 -10.36
C LEU A 295 2.98 15.26 -10.22
N LEU A 296 3.90 15.24 -9.28
CA LEU A 296 4.83 16.35 -9.08
C LEU A 296 6.29 15.88 -9.01
N ILE A 297 7.02 16.05 -10.11
CA ILE A 297 8.46 15.87 -10.11
C ILE A 297 9.11 17.25 -10.15
N PRO A 298 9.66 17.68 -9.00
CA PRO A 298 10.28 19.01 -8.86
C PRO A 298 11.48 19.22 -9.77
N ASN A 299 11.68 20.48 -10.20
CA ASN A 299 12.81 20.85 -11.04
C ASN A 299 13.43 22.18 -10.60
N THR A 300 14.27 22.77 -11.46
CA THR A 300 14.98 24.02 -11.18
C THR A 300 14.13 24.99 -10.33
N ALA A 301 12.98 25.39 -10.85
CA ALA A 301 12.11 26.39 -10.20
C ALA A 301 11.39 25.90 -8.95
N ILE A 302 10.65 24.80 -9.09
CA ILE A 302 9.82 24.24 -8.01
C ILE A 302 10.59 24.10 -6.69
N ARG A 303 11.82 23.61 -6.78
CA ARG A 303 12.69 23.40 -5.62
C ARG A 303 12.71 24.59 -4.67
N ASN A 304 12.87 25.79 -5.22
CA ASN A 304 13.00 27.03 -4.44
C ASN A 304 11.71 27.52 -3.81
N LEU A 305 10.59 27.31 -4.50
CA LEU A 305 9.26 27.70 -4.01
C LEU A 305 8.92 27.01 -2.69
N ILE A 306 9.39 25.77 -2.55
CA ILE A 306 9.14 24.94 -1.36
C ILE A 306 10.03 25.39 -0.20
N ARG A 307 11.26 25.79 -0.52
CA ARG A 307 12.17 26.40 0.45
C ARG A 307 11.59 27.71 0.98
N GLU A 308 11.03 28.52 0.08
CA GLU A 308 10.37 29.78 0.44
C GLU A 308 8.91 29.57 0.83
N ASN A 309 8.53 28.32 1.07
CA ASN A 309 7.18 27.94 1.51
C ASN A 309 6.04 28.56 0.68
N LYS A 310 6.34 28.92 -0.56
CA LYS A 310 5.37 29.49 -1.48
C LYS A 310 4.68 28.35 -2.24
N LEU A 311 3.85 27.60 -1.51
CA LEU A 311 3.26 26.35 -1.99
C LEU A 311 2.01 26.55 -2.83
N GLN A 312 1.27 27.63 -2.56
CA GLN A 312 0.05 27.94 -3.28
C GLN A 312 0.40 28.42 -4.68
N GLN A 313 1.59 28.99 -4.82
CA GLN A 313 2.09 29.46 -6.11
C GLN A 313 2.73 28.30 -6.88
N VAL A 314 3.04 27.22 -6.18
CA VAL A 314 3.56 25.99 -6.79
C VAL A 314 2.53 25.38 -7.73
N TYR A 315 1.28 25.32 -7.28
CA TYR A 315 0.15 24.79 -8.03
C TYR A 315 0.07 25.39 -9.44
N SER A 316 0.30 26.71 -9.52
CA SER A 316 0.19 27.48 -10.77
C SER A 316 1.24 27.10 -11.82
N LEU A 317 2.45 26.78 -11.37
CA LEU A 317 3.52 26.30 -12.25
C LEU A 317 3.23 24.92 -12.82
N GLN A 319 1.57 22.72 -14.88
CA GLN A 319 0.77 22.62 -16.10
C GLN A 319 1.24 21.41 -16.89
N GLN A 328 1.74 17.66 -13.65
CA GLN A 328 0.31 17.59 -14.02
C GLN A 328 -0.62 17.64 -12.81
N THR A 329 -1.51 18.63 -12.79
CA THR A 329 -2.49 18.80 -11.71
C THR A 329 -3.58 17.73 -11.74
N ASN A 331 -6.80 17.73 -11.56
CA ASN A 331 -7.95 18.01 -12.43
C ASN A 331 -7.65 17.78 -13.91
N GLN A 332 -6.39 18.03 -14.30
CA GLN A 332 -5.98 17.81 -15.68
C GLN A 332 -6.07 16.33 -16.02
N THR A 333 -5.77 15.49 -15.02
CA THR A 333 -5.88 14.04 -15.16
C THR A 333 -7.33 13.62 -15.32
N LEU A 334 -8.22 14.33 -14.63
CA LEU A 334 -9.64 14.02 -14.67
C LEU A 334 -10.24 14.31 -16.05
N TYR A 335 -9.97 15.50 -16.57
CA TYR A 335 -10.41 15.91 -17.90
C TYR A 335 -9.89 14.96 -18.98
N LYS A 336 -8.59 14.65 -18.91
CA LYS A 336 -7.95 13.76 -19.88
C LYS A 336 -8.63 12.38 -19.92
N LEU A 337 -9.01 11.88 -18.75
CA LEU A 337 -9.74 10.61 -18.63
C LEU A 337 -11.18 10.74 -19.12
N TYR A 338 -11.73 11.95 -19.08
CA TYR A 338 -13.09 12.19 -19.55
C TYR A 338 -13.19 12.44 -21.06
N LYS A 339 -12.32 13.30 -21.58
CA LYS A 339 -12.32 13.61 -23.02
C LYS A 339 -12.16 12.35 -23.86
N GLN A 340 -11.42 11.38 -23.33
CA GLN A 340 -11.26 10.09 -24.00
C GLN A 340 -12.52 9.25 -23.81
N GLY A 341 -13.17 9.40 -22.66
CA GLY A 341 -14.45 8.73 -22.39
C GLY A 341 -14.30 7.52 -21.51
N LEU A 342 -13.98 7.75 -20.24
CA LEU A 342 -13.89 6.68 -19.25
C LEU A 342 -14.64 7.04 -17.97
N ILE A 343 -14.22 8.11 -17.33
CA ILE A 343 -14.86 8.57 -16.10
C ILE A 343 -15.97 9.57 -16.41
N THR A 344 -17.11 9.42 -15.73
CA THR A 344 -18.27 10.30 -15.96
C THR A 344 -18.06 11.69 -15.36
N LEU A 345 -18.95 12.62 -15.68
CA LEU A 345 -18.82 14.01 -15.23
C LEU A 345 -18.83 14.14 -13.71
N GLU A 346 -19.83 13.54 -13.06
CA GLU A 346 -19.96 13.64 -11.61
C GLU A 346 -18.89 12.80 -10.90
N ASP A 347 -18.47 11.70 -11.53
CA ASP A 347 -17.34 10.91 -11.03
C ASP A 347 -16.08 11.76 -11.07
N ALA A 348 -15.86 12.44 -12.19
CA ALA A 348 -14.76 13.37 -12.35
C ALA A 348 -14.88 14.57 -11.42
N GLU A 350 -16.77 14.44 -8.23
CA GLU A 350 -16.68 13.97 -6.86
C GLU A 350 -15.27 13.56 -6.47
N ALA A 351 -14.48 13.12 -7.45
CA ALA A 351 -13.07 12.82 -7.23
C ALA A 351 -12.22 14.08 -7.13
N SER A 352 -12.64 15.12 -7.85
CA SER A 352 -11.90 16.38 -7.93
C SER A 352 -11.73 17.08 -6.58
N PRO A 353 -10.51 17.58 -6.30
CA PRO A 353 -10.28 18.38 -5.11
C PRO A 353 -11.00 19.73 -5.18
N ASP A 354 -11.13 20.27 -6.39
CA ASP A 354 -11.80 21.56 -6.60
C ASP A 354 -12.64 21.55 -7.89
N PRO A 355 -13.97 21.58 -7.75
CA PRO A 355 -14.87 21.59 -8.90
C PRO A 355 -14.63 22.79 -9.83
N LYS A 356 -14.27 23.93 -9.24
CA LYS A 356 -14.09 25.20 -9.97
C LYS A 356 -13.06 25.16 -11.11
N GLU A 357 -12.00 24.36 -10.94
CA GLU A 357 -10.97 24.21 -11.99
C GLU A 357 -11.52 23.45 -13.19
N LEU A 358 -12.29 22.40 -12.93
CA LEU A 358 -13.00 21.71 -14.00
C LEU A 358 -14.34 22.40 -14.22
N GLU A 359 -15.28 21.72 -14.87
CA GLU A 359 -16.53 22.31 -15.37
C GLU A 359 -16.21 23.35 -16.46
N ARG A 360 -15.03 23.94 -16.33
CA ARG A 360 -14.48 24.88 -17.30
C ARG A 360 -14.00 24.08 -18.52
#